data_3W3S
#
_entry.id   3W3S
#
_cell.length_a   272.817
_cell.length_b   272.817
_cell.length_c   272.817
_cell.angle_alpha   90.00
_cell.angle_beta   90.00
_cell.angle_gamma   90.00
#
_symmetry.space_group_name_H-M   'I 4 3 2'
#
loop_
_entity.id
_entity.type
_entity.pdbx_description
1 polymer 'Type-2 serine--tRNA ligase'
2 polymer 'selenocysteine tRNA'
3 non-polymer 'ZINC ION'
4 non-polymer "5'-O-(N-(L-SERYL)-SULFAMOYL)ADENOSINE"
5 non-polymer 'PLATINUM (II) ION'
6 non-polymer 'SULFATE ION'
#
loop_
_entity_poly.entity_id
_entity_poly.type
_entity_poly.pdbx_seq_one_letter_code
_entity_poly.pdbx_strand_id
1 'polypeptide(L)'
;(MSE)ELKFSAEVELTLSREVDPAEIEPTVEEFVKEANEDLLQRGVPTGKEGAKIESYYVLYDTIY(MSE)EITGTRYLR
PHEAA(MSE)RVRKRLAERLGRKHRVGVRDLKIPRYEVVLRFDREVTYDYVGYVPVADDVVVEDGTVRLTFQDVDEE
(MSE)LRRHVIDRVIRLVAWAVEERSELVERVTKVEPGTVVDESGPRRIRFRGDVTEEARRRGWVKEFPGRGQWIYTPP
(MSE)AALFEVLRDFLLERVTRKLGFEPALFPKLIPLET(MSE)FR(MSE)RYLHGLPDG(MSE)YYVCPPKRDPELFDD
FKRELYVWGELNERTLGSLKEKLRDPGYVLAPAQCEPFYELLRDEVVDPERLPIKLYDCSGWTYRWEGGAAKGLERVNEF
QRIEHVWIAEPEEAYRIRRELLEATKRVAEELELEWKVVVSDDPFYLEGRLLEDRDIELPDVPSYEFEVYLPFKGERSSE
EAWISVGSFNVHGEHFVDGFNVKEKSGRTLFTGCAGLGVTRWVVGLLAQHGFYPYEWPEPILERIDEKFGGLPEVPKTLT
WPE
;
A
2 'polyribonucleotide'
;GGGAGAGGUUGGCCGGCUGGUGCCGCCCCGGGACUUCAAAUCCCGUGGGAGGUCCCGCAAGGGAGCUCCGGAGGGUUCGA
UUCCCUCCCUCUCCCGCCA
;
B
#
loop_
_chem_comp.id
_chem_comp.type
_chem_comp.name
_chem_comp.formula
A RNA linking ADENOSINE-5'-MONOPHOSPHATE 'C10 H14 N5 O7 P'
C RNA linking CYTIDINE-5'-MONOPHOSPHATE 'C9 H14 N3 O8 P'
G RNA linking GUANOSINE-5'-MONOPHOSPHATE 'C10 H14 N5 O8 P'
PT non-polymer 'PLATINUM (II) ION' 'Pt 2'
SO4 non-polymer 'SULFATE ION' 'O4 S -2'
SSA non-polymer 5'-O-(N-(L-SERYL)-SULFAMOYL)ADENOSINE 'C13 H19 N7 O8 S'
U RNA linking URIDINE-5'-MONOPHOSPHATE 'C9 H13 N2 O9 P'
ZN non-polymer 'ZINC ION' 'Zn 2'
#
# COMPACT_ATOMS: atom_id res chain seq x y z
N MSE A 1 18.71 -13.15 -20.13
CA MSE A 1 18.31 -11.90 -20.78
C MSE A 1 19.49 -10.94 -20.99
O MSE A 1 19.92 -10.26 -20.06
CB MSE A 1 17.23 -11.18 -19.97
CG MSE A 1 16.85 -9.83 -20.55
SE MSE A 1 16.25 -8.48 -19.24
CE MSE A 1 17.86 -8.42 -18.11
N GLU A 2 20.00 -10.89 -22.22
CA GLU A 2 21.12 -10.02 -22.58
C GLU A 2 20.59 -8.62 -22.53
N LEU A 3 21.43 -7.68 -22.13
CA LEU A 3 21.00 -6.30 -21.92
C LEU A 3 22.04 -5.30 -22.43
N LYS A 4 21.62 -4.42 -23.34
CA LYS A 4 22.56 -3.55 -24.10
C LYS A 4 22.07 -2.12 -24.22
N PHE A 5 22.90 -1.17 -23.82
CA PHE A 5 22.55 0.24 -23.84
C PHE A 5 23.20 1.02 -24.98
N SER A 6 22.49 2.03 -25.49
CA SER A 6 23.08 3.00 -26.41
C SER A 6 22.54 4.39 -26.13
N ALA A 7 23.42 5.35 -25.91
CA ALA A 7 23.02 6.73 -25.63
C ALA A 7 23.52 7.73 -26.65
N GLU A 8 22.68 8.69 -26.97
CA GLU A 8 23.14 9.87 -27.70
C GLU A 8 23.43 10.92 -26.65
N VAL A 9 24.72 11.24 -26.53
CA VAL A 9 25.18 12.19 -25.53
C VAL A 9 25.56 13.48 -26.23
N GLU A 10 25.27 14.62 -25.60
CA GLU A 10 25.65 15.91 -26.19
C GLU A 10 26.41 16.76 -25.19
N LEU A 11 27.67 17.03 -25.52
CA LEU A 11 28.51 17.89 -24.71
C LEU A 11 28.49 19.30 -25.29
N THR A 12 28.01 20.25 -24.51
CA THR A 12 27.91 21.62 -24.96
C THR A 12 29.11 22.43 -24.49
N LEU A 13 29.86 22.91 -25.47
CA LEU A 13 31.11 23.59 -25.21
C LEU A 13 30.81 25.00 -24.75
N SER A 14 31.73 25.58 -24.01
CA SER A 14 31.53 26.89 -23.44
C SER A 14 31.32 28.00 -24.49
N ARG A 15 31.93 27.86 -25.66
CA ARG A 15 31.79 28.85 -26.73
C ARG A 15 31.64 28.11 -28.05
N GLU A 16 31.30 28.83 -29.13
CA GLU A 16 31.32 28.22 -30.46
C GLU A 16 32.76 27.87 -30.83
N VAL A 17 32.93 26.92 -31.73
CA VAL A 17 34.24 26.38 -32.04
C VAL A 17 34.32 26.08 -33.51
N ASP A 18 35.54 26.08 -34.04
CA ASP A 18 35.74 25.60 -35.38
C ASP A 18 36.23 24.17 -35.29
N PRO A 19 35.33 23.22 -35.60
CA PRO A 19 35.56 21.80 -35.28
C PRO A 19 36.92 21.31 -35.73
N ALA A 20 37.33 21.72 -36.93
CA ALA A 20 38.55 21.19 -37.53
C ALA A 20 39.75 21.34 -36.60
N GLU A 21 39.72 22.36 -35.75
CA GLU A 21 40.78 22.61 -34.77
C GLU A 21 40.59 21.74 -33.55
N ILE A 22 39.32 21.43 -33.26
CA ILE A 22 38.94 20.62 -32.10
C ILE A 22 39.10 19.11 -32.34
N GLU A 23 38.67 18.65 -33.52
CA GLU A 23 38.60 17.20 -33.75
C GLU A 23 39.89 16.47 -33.39
N PRO A 24 41.03 17.00 -33.83
CA PRO A 24 42.29 16.34 -33.48
C PRO A 24 42.32 15.94 -32.01
N THR A 25 41.86 16.82 -31.13
CA THR A 25 41.91 16.51 -29.71
C THR A 25 40.84 15.49 -29.33
N VAL A 26 39.66 15.60 -29.92
CA VAL A 26 38.60 14.68 -29.55
C VAL A 26 38.96 13.28 -30.00
N GLU A 27 39.40 13.16 -31.24
CA GLU A 27 39.85 11.88 -31.79
C GLU A 27 40.85 11.21 -30.84
N GLU A 28 41.87 11.95 -30.43
CA GLU A 28 42.92 11.42 -29.57
C GLU A 28 42.23 10.93 -28.29
N PHE A 29 41.48 11.80 -27.63
CA PHE A 29 40.79 11.46 -26.39
C PHE A 29 39.92 10.23 -26.53
N VAL A 30 39.06 10.25 -27.54
CA VAL A 30 38.11 9.18 -27.76
C VAL A 30 38.83 7.86 -27.90
N LYS A 31 39.90 7.86 -28.68
CA LYS A 31 40.62 6.63 -28.89
C LYS A 31 41.19 6.09 -27.60
N GLU A 32 41.69 6.95 -26.74
CA GLU A 32 42.32 6.48 -25.52
C GLU A 32 41.29 6.19 -24.44
N ALA A 33 40.10 6.77 -24.60
CA ALA A 33 39.04 6.54 -23.65
C ALA A 33 38.48 5.14 -23.86
N ASN A 34 38.35 4.76 -25.11
CA ASN A 34 37.79 3.47 -25.46
C ASN A 34 38.71 2.37 -25.00
N GLU A 35 40.00 2.68 -25.00
CA GLU A 35 41.05 1.73 -24.66
C GLU A 35 41.16 1.53 -23.15
N ASP A 36 41.08 2.62 -22.40
CA ASP A 36 41.33 2.58 -20.97
C ASP A 36 40.07 2.84 -20.12
N LEU A 37 39.67 4.12 -20.10
CA LEU A 37 38.67 4.65 -19.18
C LEU A 37 37.38 3.85 -19.22
N LEU A 38 36.96 3.51 -20.43
CA LEU A 38 35.65 2.94 -20.59
C LEU A 38 35.68 1.43 -20.50
N GLN A 39 36.86 0.89 -20.26
CA GLN A 39 37.00 -0.50 -19.88
C GLN A 39 37.25 -0.71 -18.38
N ARG A 40 37.35 0.38 -17.63
CA ARG A 40 37.72 0.27 -16.21
C ARG A 40 36.56 -0.20 -15.35
N GLY A 41 36.83 -1.15 -14.47
CA GLY A 41 35.80 -1.65 -13.59
C GLY A 41 35.07 -2.84 -14.19
N VAL A 42 35.11 -2.96 -15.51
CA VAL A 42 34.57 -4.13 -16.19
C VAL A 42 35.36 -5.38 -15.83
N PRO A 43 34.64 -6.43 -15.41
CA PRO A 43 35.21 -7.75 -15.09
C PRO A 43 35.90 -8.34 -16.31
N THR A 44 36.80 -9.30 -16.12
CA THR A 44 37.69 -9.68 -17.20
C THR A 44 37.00 -10.26 -18.44
N GLY A 45 35.97 -11.07 -18.24
CA GLY A 45 35.28 -11.66 -19.38
C GLY A 45 34.29 -10.76 -20.13
N LYS A 46 34.11 -9.52 -19.68
CA LYS A 46 32.98 -8.76 -20.21
C LYS A 46 33.33 -7.47 -20.95
N GLU A 47 32.28 -6.86 -21.49
CA GLU A 47 32.32 -5.64 -22.27
C GLU A 47 31.99 -4.42 -21.40
N GLY A 48 32.65 -3.30 -21.67
CA GLY A 48 32.30 -2.00 -21.11
C GLY A 48 31.60 -1.04 -22.08
N ALA A 49 31.90 0.24 -21.91
CA ALA A 49 31.43 1.30 -22.80
C ALA A 49 32.43 1.59 -23.92
N LYS A 50 31.91 1.97 -25.07
CA LYS A 50 32.71 2.45 -26.21
C LYS A 50 32.07 3.71 -26.77
N ILE A 51 32.89 4.68 -27.16
CA ILE A 51 32.33 5.82 -27.86
C ILE A 51 32.39 5.41 -29.31
N GLU A 52 31.22 5.17 -29.87
CA GLU A 52 31.11 4.50 -31.15
C GLU A 52 31.31 5.49 -32.27
N SER A 53 30.91 6.73 -31.99
CA SER A 53 31.11 7.80 -32.94
C SER A 53 31.01 9.14 -32.22
N TYR A 54 31.57 10.17 -32.82
CA TYR A 54 31.39 11.51 -32.31
C TYR A 54 31.34 12.43 -33.50
N TYR A 55 30.81 13.64 -33.31
CA TYR A 55 31.03 14.71 -34.27
C TYR A 55 30.92 16.08 -33.62
N VAL A 56 31.63 17.06 -34.19
CA VAL A 56 31.67 18.40 -33.63
C VAL A 56 30.98 19.43 -34.54
N LEU A 57 29.92 20.01 -33.99
CA LEU A 57 29.18 21.13 -34.53
C LEU A 57 29.75 22.37 -33.86
N TYR A 58 29.26 23.55 -34.23
CA TYR A 58 29.79 24.78 -33.66
C TYR A 58 29.61 24.93 -32.13
N ASP A 59 28.46 24.56 -31.58
CA ASP A 59 28.31 24.62 -30.12
C ASP A 59 28.72 23.35 -29.36
N THR A 60 28.48 22.22 -30.00
CA THR A 60 28.45 20.93 -29.31
C THR A 60 29.37 19.86 -29.91
N ILE A 61 29.75 18.93 -29.05
CA ILE A 61 30.29 17.64 -29.46
C ILE A 61 29.23 16.60 -29.19
N TYR A 62 28.88 15.84 -30.22
CA TYR A 62 27.88 14.78 -30.17
C TYR A 62 28.57 13.42 -30.07
N MSE A 63 28.13 12.56 -29.16
CA MSE A 63 28.74 11.24 -29.04
C MSE A 63 27.71 10.12 -29.02
O MSE A 63 26.69 10.23 -28.34
CB MSE A 63 29.58 11.13 -27.77
CG MSE A 63 30.95 11.70 -27.84
SE MSE A 63 31.82 11.69 -26.07
CE MSE A 63 33.50 12.56 -26.57
N GLU A 64 27.99 9.04 -29.74
CA GLU A 64 27.27 7.79 -29.60
C GLU A 64 28.01 6.91 -28.62
N ILE A 65 27.43 6.65 -27.47
CA ILE A 65 28.09 5.84 -26.45
C ILE A 65 27.23 4.64 -26.10
N THR A 66 27.84 3.46 -26.15
CA THR A 66 27.14 2.23 -25.87
C THR A 66 27.69 1.59 -24.61
N GLY A 67 26.87 0.79 -23.94
CA GLY A 67 27.22 0.24 -22.65
C GLY A 67 26.57 -1.08 -22.33
N THR A 68 26.93 -1.63 -21.19
CA THR A 68 26.46 -2.92 -20.78
C THR A 68 26.12 -2.75 -19.30
N ARG A 69 25.56 -3.77 -18.66
CA ARG A 69 25.32 -3.62 -17.23
C ARG A 69 26.62 -3.33 -16.46
N TYR A 70 27.76 -3.66 -17.06
CA TYR A 70 29.02 -3.56 -16.35
C TYR A 70 29.50 -2.13 -16.33
N LEU A 71 29.30 -1.43 -17.44
CA LEU A 71 29.48 0.01 -17.49
C LEU A 71 28.41 0.64 -18.36
N ARG A 72 27.57 1.47 -17.77
CA ARG A 72 26.45 2.05 -18.48
C ARG A 72 26.77 3.39 -19.11
N PRO A 73 26.14 3.68 -20.26
CA PRO A 73 26.47 4.86 -21.05
C PRO A 73 26.61 6.14 -20.25
N HIS A 74 25.73 6.43 -19.31
CA HIS A 74 25.83 7.72 -18.64
C HIS A 74 26.95 7.71 -17.64
N GLU A 75 27.18 6.60 -16.95
CA GLU A 75 28.40 6.50 -16.14
C GLU A 75 29.64 6.78 -17.00
N ALA A 76 29.68 6.15 -18.18
CA ALA A 76 30.66 6.48 -19.18
C ALA A 76 30.72 7.99 -19.41
N ALA A 77 29.56 8.58 -19.70
CA ALA A 77 29.49 10.02 -19.94
C ALA A 77 30.14 10.79 -18.78
N MSE A 78 29.90 10.34 -17.55
CA MSE A 78 30.50 10.97 -16.38
C MSE A 78 32.00 10.90 -16.37
O MSE A 78 32.67 11.89 -16.06
CB MSE A 78 29.99 10.34 -15.11
CG MSE A 78 28.51 10.53 -14.90
SE MSE A 78 28.21 10.84 -13.04
CE MSE A 78 28.68 12.73 -13.05
N ARG A 79 32.54 9.72 -16.68
CA ARG A 79 33.97 9.52 -16.73
C ARG A 79 34.62 10.41 -17.81
N VAL A 80 34.00 10.45 -18.98
CA VAL A 80 34.41 11.31 -20.08
C VAL A 80 34.36 12.82 -19.76
N ARG A 81 33.23 13.32 -19.27
CA ARG A 81 33.02 14.77 -19.11
C ARG A 81 34.19 15.55 -18.51
N LYS A 82 34.50 15.26 -17.24
CA LYS A 82 35.51 16.02 -16.51
C LYS A 82 36.85 16.00 -17.24
N ARG A 83 37.18 14.86 -17.82
CA ARG A 83 38.45 14.65 -18.49
C ARG A 83 38.52 15.35 -19.82
N LEU A 84 37.64 14.99 -20.74
CA LEU A 84 37.67 15.63 -22.04
C LEU A 84 37.58 17.16 -21.93
N ALA A 85 36.99 17.67 -20.84
CA ALA A 85 36.91 19.10 -20.67
C ALA A 85 38.22 19.71 -20.18
N GLU A 86 39.00 18.95 -19.41
CA GLU A 86 40.32 19.46 -19.04
C GLU A 86 41.22 19.54 -20.26
N ARG A 87 41.18 18.53 -21.12
CA ARG A 87 42.01 18.59 -22.31
C ARG A 87 41.57 19.72 -23.18
N LEU A 88 40.28 19.74 -23.52
CA LEU A 88 39.78 20.83 -24.36
C LEU A 88 40.15 22.19 -23.78
N GLY A 89 40.12 22.28 -22.45
CA GLY A 89 40.40 23.53 -21.78
C GLY A 89 41.85 23.92 -21.91
N ARG A 90 42.74 22.95 -21.75
CA ARG A 90 44.17 23.19 -21.87
C ARG A 90 44.63 23.42 -23.32
N LYS A 91 44.11 22.63 -24.26
CA LYS A 91 44.55 22.73 -25.64
C LYS A 91 43.90 23.88 -26.39
N HIS A 92 42.58 24.00 -26.25
CA HIS A 92 41.83 25.04 -26.97
C HIS A 92 41.25 26.21 -26.19
N ARG A 93 41.47 26.24 -24.88
CA ARG A 93 40.78 27.19 -24.01
C ARG A 93 39.24 27.14 -24.21
N VAL A 94 38.70 25.93 -24.07
CA VAL A 94 37.27 25.69 -24.21
C VAL A 94 36.88 24.61 -23.23
N GLY A 95 35.78 24.82 -22.52
CA GLY A 95 35.26 23.81 -21.61
C GLY A 95 33.98 23.14 -22.11
N VAL A 96 33.45 22.24 -21.29
CA VAL A 96 32.14 21.62 -21.56
C VAL A 96 31.14 22.20 -20.60
N ARG A 97 30.27 23.03 -21.12
CA ARG A 97 29.38 23.89 -20.33
C ARG A 97 28.27 23.02 -19.72
N ASP A 98 27.67 22.18 -20.57
CA ASP A 98 26.64 21.26 -20.08
C ASP A 98 26.75 19.90 -20.77
N LEU A 99 26.18 18.88 -20.15
CA LEU A 99 26.07 17.55 -20.76
C LEU A 99 24.63 16.98 -20.65
N LYS A 100 24.06 16.56 -21.79
CA LYS A 100 22.69 16.06 -21.86
C LYS A 100 22.55 14.74 -22.61
N ILE A 101 21.47 14.01 -22.32
CA ILE A 101 21.23 12.74 -22.99
C ILE A 101 19.86 12.73 -23.68
N PRO A 102 19.80 13.26 -24.89
CA PRO A 102 18.54 13.41 -25.61
C PRO A 102 17.86 12.07 -25.90
N ARG A 103 18.64 11.02 -26.14
CA ARG A 103 18.10 9.72 -26.47
C ARG A 103 18.89 8.67 -25.73
N TYR A 104 18.23 7.85 -24.93
CA TYR A 104 18.88 6.80 -24.16
C TYR A 104 18.08 5.53 -24.41
N GLU A 105 18.73 4.54 -24.99
CA GLU A 105 18.03 3.35 -25.45
C GLU A 105 18.56 2.11 -24.79
N VAL A 106 17.66 1.19 -24.47
CA VAL A 106 18.00 -0.05 -23.81
C VAL A 106 17.33 -1.17 -24.54
N VAL A 107 18.08 -2.20 -24.90
CA VAL A 107 17.49 -3.34 -25.55
C VAL A 107 17.60 -4.58 -24.69
N LEU A 108 16.47 -5.23 -24.44
CA LEU A 108 16.46 -6.44 -23.63
C LEU A 108 16.12 -7.60 -24.55
N ARG A 109 17.11 -8.47 -24.75
CA ARG A 109 16.95 -9.62 -25.61
C ARG A 109 16.44 -10.75 -24.75
N PHE A 110 15.33 -11.36 -25.15
CA PHE A 110 14.73 -12.45 -24.39
C PHE A 110 14.89 -13.77 -25.12
N ASP A 111 14.97 -14.86 -24.36
CA ASP A 111 14.83 -16.20 -24.94
C ASP A 111 13.36 -16.55 -25.04
N ARG A 112 12.59 -16.13 -24.04
CA ARG A 112 11.13 -16.30 -24.01
C ARG A 112 10.47 -15.60 -25.18
N GLU A 113 9.31 -16.12 -25.59
CA GLU A 113 8.44 -15.44 -26.52
C GLU A 113 7.90 -14.19 -25.81
N VAL A 114 8.05 -13.02 -26.46
CA VAL A 114 7.47 -11.77 -25.98
C VAL A 114 6.69 -11.05 -27.06
N THR A 115 5.57 -10.47 -26.64
CA THR A 115 4.74 -9.62 -27.47
C THR A 115 4.29 -8.48 -26.60
N TYR A 116 3.66 -7.46 -27.19
CA TYR A 116 3.25 -6.31 -26.39
C TYR A 116 2.41 -6.69 -25.20
N ASP A 117 1.41 -7.55 -25.42
CA ASP A 117 0.48 -7.85 -24.35
C ASP A 117 1.18 -8.49 -23.17
N TYR A 118 2.31 -9.14 -23.40
CA TYR A 118 3.07 -9.72 -22.29
C TYR A 118 3.65 -8.60 -21.43
N VAL A 119 4.36 -7.69 -22.08
CA VAL A 119 4.98 -6.53 -21.46
C VAL A 119 3.98 -5.62 -20.71
N GLY A 120 2.95 -5.19 -21.42
CA GLY A 120 1.95 -4.34 -20.80
C GLY A 120 2.40 -2.91 -20.81
N TYR A 121 1.94 -2.15 -19.83
CA TYR A 121 2.29 -0.74 -19.67
C TYR A 121 3.70 -0.55 -19.13
N VAL A 122 4.51 0.23 -19.84
CA VAL A 122 5.89 0.49 -19.41
C VAL A 122 5.97 1.96 -18.99
N PRO A 123 6.18 2.21 -17.69
CA PRO A 123 5.96 3.55 -17.15
C PRO A 123 6.78 4.77 -17.62
N VAL A 124 8.10 4.71 -17.76
CA VAL A 124 8.86 5.92 -18.10
C VAL A 124 9.34 6.14 -19.56
N ALA A 125 9.29 5.10 -20.39
CA ALA A 125 9.80 5.19 -21.77
C ALA A 125 8.95 6.03 -22.74
N ASP A 126 9.62 6.69 -23.69
CA ASP A 126 8.91 7.40 -24.74
C ASP A 126 8.54 6.52 -25.93
N ASP A 127 9.30 5.45 -26.10
CA ASP A 127 8.90 4.42 -27.04
C ASP A 127 9.16 3.05 -26.43
N VAL A 128 8.27 2.11 -26.73
CA VAL A 128 8.50 0.71 -26.49
C VAL A 128 8.28 0.04 -27.82
N VAL A 129 9.25 -0.76 -28.27
CA VAL A 129 9.09 -1.58 -29.47
C VAL A 129 9.38 -3.04 -29.13
N VAL A 130 8.50 -3.92 -29.52
CA VAL A 130 8.79 -5.33 -29.35
C VAL A 130 9.01 -5.93 -30.73
N GLU A 131 10.20 -6.44 -30.98
CA GLU A 131 10.39 -7.25 -32.17
C GLU A 131 11.46 -8.33 -32.04
N ASP A 132 11.22 -9.49 -32.68
CA ASP A 132 12.20 -10.54 -32.68
C ASP A 132 12.59 -10.87 -31.24
N GLY A 133 11.60 -11.18 -30.41
CA GLY A 133 11.88 -11.53 -29.03
C GLY A 133 12.82 -10.52 -28.39
N THR A 134 12.61 -9.26 -28.72
CA THR A 134 13.43 -8.17 -28.20
C THR A 134 12.55 -7.02 -27.80
N VAL A 135 12.91 -6.38 -26.69
CA VAL A 135 12.22 -5.18 -26.27
C VAL A 135 13.20 -4.00 -26.32
N ARG A 136 12.97 -3.08 -27.26
CA ARG A 136 13.69 -1.81 -27.33
C ARG A 136 12.93 -0.74 -26.56
N LEU A 137 13.55 -0.20 -25.50
CA LEU A 137 13.00 0.91 -24.72
C LEU A 137 13.75 2.16 -25.04
N THR A 138 13.05 3.24 -25.33
CA THR A 138 13.71 4.49 -25.59
C THR A 138 13.28 5.57 -24.62
N PHE A 139 14.26 6.22 -24.00
CA PHE A 139 13.99 7.38 -23.16
C PHE A 139 14.48 8.72 -23.77
N GLN A 140 13.57 9.70 -23.98
CA GLN A 140 14.00 11.05 -24.40
C GLN A 140 14.48 11.85 -23.20
N ASP A 141 15.43 12.76 -23.45
CA ASP A 141 15.82 13.82 -22.51
C ASP A 141 15.96 13.39 -21.05
N VAL A 142 17.00 12.60 -20.76
CA VAL A 142 17.13 11.93 -19.48
C VAL A 142 17.80 12.81 -18.39
N ASP A 143 17.05 13.14 -17.31
CA ASP A 143 17.57 13.94 -16.19
C ASP A 143 18.61 13.20 -15.39
N GLU A 144 19.46 13.96 -14.70
CA GLU A 144 20.45 13.33 -13.85
C GLU A 144 19.70 12.75 -12.66
N GLU A 145 18.53 13.29 -12.35
CA GLU A 145 17.72 12.78 -11.26
C GLU A 145 17.19 11.35 -11.52
N MSE A 146 16.74 11.08 -12.75
CA MSE A 146 16.33 9.74 -13.14
C MSE A 146 17.48 8.85 -12.90
O MSE A 146 17.35 7.84 -12.22
CB MSE A 146 16.03 9.64 -14.61
CG MSE A 146 14.82 10.41 -15.00
SE MSE A 146 14.22 9.91 -16.76
CE MSE A 146 13.10 11.51 -17.02
N LEU A 147 18.61 9.22 -13.48
CA LEU A 147 19.80 8.38 -13.39
C LEU A 147 20.19 8.12 -11.92
N ARG A 148 20.15 9.16 -11.10
CA ARG A 148 20.57 9.01 -9.72
C ARG A 148 19.65 8.05 -9.02
N ARG A 149 18.38 8.14 -9.35
CA ARG A 149 17.34 7.39 -8.67
C ARG A 149 17.12 6.03 -9.31
N HIS A 150 17.93 5.70 -10.30
CA HIS A 150 17.89 4.38 -10.91
C HIS A 150 16.52 4.09 -11.46
N VAL A 151 15.93 5.08 -12.10
CA VAL A 151 14.57 4.94 -12.57
C VAL A 151 14.52 3.95 -13.71
N ILE A 152 15.32 4.19 -14.74
CA ILE A 152 15.48 3.22 -15.80
C ILE A 152 15.82 1.79 -15.31
N ASP A 153 16.70 1.68 -14.32
CA ASP A 153 17.08 0.36 -13.84
C ASP A 153 15.85 -0.41 -13.45
N ARG A 154 14.92 0.27 -12.77
CA ARG A 154 13.71 -0.37 -12.28
C ARG A 154 12.69 -0.64 -13.39
N VAL A 155 12.62 0.24 -14.39
CA VAL A 155 11.81 -0.01 -15.57
C VAL A 155 12.23 -1.34 -16.16
N ILE A 156 13.53 -1.51 -16.35
CA ILE A 156 14.08 -2.76 -16.84
C ILE A 156 13.62 -3.91 -15.94
N ARG A 157 13.89 -3.81 -14.65
CA ARG A 157 13.47 -4.85 -13.72
C ARG A 157 12.00 -5.18 -13.98
N LEU A 158 11.17 -4.15 -14.10
CA LEU A 158 9.73 -4.31 -14.32
C LEU A 158 9.44 -5.10 -15.60
N VAL A 159 9.84 -4.54 -16.74
CA VAL A 159 9.62 -5.20 -18.00
C VAL A 159 10.05 -6.67 -17.95
N ALA A 160 11.17 -6.96 -17.29
CA ALA A 160 11.56 -8.36 -17.10
C ALA A 160 10.48 -9.11 -16.32
N TRP A 161 10.13 -8.60 -15.15
CA TRP A 161 9.06 -9.16 -14.33
C TRP A 161 7.79 -9.35 -15.13
N ALA A 162 7.49 -8.46 -16.06
CA ALA A 162 6.19 -8.50 -16.73
C ALA A 162 6.15 -9.58 -17.79
N VAL A 163 7.32 -9.86 -18.35
CA VAL A 163 7.48 -10.85 -19.40
C VAL A 163 7.56 -12.25 -18.82
N GLU A 164 8.15 -12.38 -17.64
CA GLU A 164 8.44 -13.67 -17.05
C GLU A 164 7.19 -14.23 -16.38
N GLU A 165 6.08 -13.52 -16.53
CA GLU A 165 4.79 -14.05 -16.14
C GLU A 165 4.70 -14.31 -14.64
N ARG A 166 5.59 -13.67 -13.89
CA ARG A 166 5.65 -13.85 -12.43
C ARG A 166 4.36 -13.38 -11.79
N SER A 167 3.52 -12.74 -12.58
CA SER A 167 2.32 -12.09 -12.08
C SER A 167 1.23 -13.07 -11.60
N GLU A 168 1.38 -14.36 -11.90
CA GLU A 168 0.41 -15.37 -11.46
C GLU A 168 0.64 -15.79 -9.99
N LEU A 169 -0.40 -15.58 -9.18
CA LEU A 169 -0.29 -15.39 -7.72
C LEU A 169 0.08 -16.58 -6.82
N VAL A 170 0.11 -17.80 -7.35
CA VAL A 170 0.62 -18.92 -6.59
C VAL A 170 2.09 -18.63 -6.32
N GLU A 171 2.62 -17.65 -7.06
CA GLU A 171 3.99 -17.19 -6.90
C GLU A 171 4.23 -16.48 -5.56
N ARG A 172 3.13 -16.08 -4.92
CA ARG A 172 3.14 -15.42 -3.59
C ARG A 172 3.65 -16.24 -2.38
N VAL A 173 4.13 -15.48 -1.40
CA VAL A 173 4.91 -15.94 -0.25
C VAL A 173 4.35 -16.91 0.80
N THR A 174 3.08 -16.78 1.17
CA THR A 174 2.61 -17.54 2.33
C THR A 174 2.84 -19.04 2.18
N LYS A 175 3.47 -19.61 3.21
CA LYS A 175 3.82 -21.02 3.27
C LYS A 175 2.64 -21.98 3.36
N VAL A 176 1.64 -21.63 4.15
CA VAL A 176 0.52 -22.53 4.41
C VAL A 176 -0.66 -22.13 3.54
N GLU A 177 -1.36 -23.08 2.93
CA GLU A 177 -2.45 -22.74 2.03
C GLU A 177 -3.48 -21.89 2.75
N PRO A 178 -3.79 -20.71 2.21
CA PRO A 178 -4.92 -19.96 2.77
C PRO A 178 -6.22 -20.76 2.75
N GLY A 179 -7.06 -20.52 3.75
CA GLY A 179 -8.32 -21.21 3.83
C GLY A 179 -8.21 -22.31 4.84
N THR A 180 -6.97 -22.64 5.19
CA THR A 180 -6.67 -23.77 6.03
C THR A 180 -7.09 -23.55 7.47
N VAL A 181 -7.97 -24.42 7.98
CA VAL A 181 -8.60 -24.19 9.26
C VAL A 181 -7.71 -24.64 10.39
N VAL A 182 -7.26 -23.70 11.19
CA VAL A 182 -6.40 -24.02 12.30
C VAL A 182 -7.25 -24.60 13.42
N ASP A 183 -8.42 -24.00 13.62
CA ASP A 183 -9.20 -24.25 14.81
C ASP A 183 -10.66 -24.05 14.50
N GLU A 184 -11.54 -24.68 15.27
CA GLU A 184 -12.96 -24.66 14.95
C GLU A 184 -13.86 -24.79 16.19
N SER A 185 -14.99 -24.10 16.18
CA SER A 185 -16.03 -24.36 17.15
C SER A 185 -16.98 -25.23 16.38
N GLY A 186 -17.36 -26.36 16.95
CA GLY A 186 -18.29 -27.22 16.25
C GLY A 186 -19.55 -26.40 16.10
N PRO A 187 -20.50 -26.88 15.30
CA PRO A 187 -21.74 -26.11 15.12
C PRO A 187 -22.52 -25.99 16.43
N ARG A 188 -23.05 -24.80 16.69
CA ARG A 188 -24.05 -24.61 17.73
C ARG A 188 -25.37 -25.00 17.10
N ARG A 189 -26.34 -25.42 17.90
CA ARG A 189 -27.68 -25.60 17.37
C ARG A 189 -28.05 -24.27 16.72
N ILE A 190 -28.76 -24.31 15.59
CA ILE A 190 -28.91 -23.10 14.79
C ILE A 190 -30.17 -22.31 15.15
N ARG A 191 -29.97 -21.19 15.85
CA ARG A 191 -31.09 -20.46 16.46
C ARG A 191 -31.84 -19.37 15.64
N PHE A 192 -31.22 -18.83 14.61
CA PHE A 192 -31.89 -17.79 13.80
C PHE A 192 -31.47 -17.89 12.34
N ARG A 193 -32.45 -17.91 11.43
CA ARG A 193 -32.20 -17.96 9.99
C ARG A 193 -32.35 -16.63 9.22
N GLY A 194 -32.68 -15.56 9.94
CA GLY A 194 -33.09 -14.31 9.31
C GLY A 194 -31.98 -13.52 8.70
N ASP A 195 -32.31 -12.68 7.74
CA ASP A 195 -31.30 -11.89 7.04
C ASP A 195 -31.09 -10.56 7.77
N VAL A 196 -29.89 -10.39 8.34
CA VAL A 196 -29.58 -9.26 9.22
C VAL A 196 -29.72 -7.88 8.60
N THR A 197 -29.20 -7.67 7.40
CA THR A 197 -29.39 -6.40 6.70
C THR A 197 -30.86 -6.18 6.42
N GLU A 198 -31.49 -7.13 5.75
CA GLU A 198 -32.89 -6.94 5.40
C GLU A 198 -33.76 -6.75 6.64
N GLU A 199 -33.57 -7.59 7.64
CA GLU A 199 -34.32 -7.46 8.89
C GLU A 199 -34.07 -6.13 9.60
N ALA A 200 -32.81 -5.72 9.68
CA ALA A 200 -32.46 -4.43 10.28
C ALA A 200 -33.05 -3.21 9.54
N ARG A 201 -33.01 -3.26 8.21
CA ARG A 201 -33.65 -2.22 7.42
C ARG A 201 -35.14 -2.22 7.70
N ARG A 202 -35.70 -3.42 7.80
CA ARG A 202 -37.13 -3.63 8.07
C ARG A 202 -37.57 -2.90 9.32
N ARG A 203 -36.92 -3.22 10.44
CA ARG A 203 -37.24 -2.65 11.74
C ARG A 203 -36.60 -1.27 11.94
N GLY A 204 -35.93 -0.78 10.91
CA GLY A 204 -35.22 0.48 11.03
C GLY A 204 -34.19 0.51 12.15
N TRP A 205 -33.38 -0.54 12.27
CA TRP A 205 -32.25 -0.47 13.18
C TRP A 205 -31.08 0.21 12.49
N VAL A 206 -31.15 0.26 11.16
CA VAL A 206 -30.28 1.14 10.38
C VAL A 206 -31.19 1.87 9.44
N LYS A 207 -30.79 3.07 9.05
CA LYS A 207 -31.41 3.78 7.92
C LYS A 207 -30.28 4.01 6.95
N GLU A 208 -30.58 3.93 5.66
CA GLU A 208 -29.57 4.07 4.64
C GLU A 208 -29.15 5.53 4.50
N PHE A 209 -27.83 5.73 4.51
CA PHE A 209 -27.19 7.02 4.33
C PHE A 209 -26.83 7.19 2.85
N PRO A 210 -27.03 8.41 2.32
CA PRO A 210 -26.85 8.89 0.95
C PRO A 210 -25.57 8.43 0.30
N GLY A 211 -24.45 8.45 1.03
CA GLY A 211 -23.19 8.00 0.48
C GLY A 211 -23.06 6.47 0.32
N ARG A 212 -22.40 6.04 -0.75
CA ARG A 212 -22.18 4.62 -0.98
C ARG A 212 -21.45 3.94 0.18
N GLY A 213 -21.99 2.81 0.60
CA GLY A 213 -21.36 1.98 1.59
C GLY A 213 -21.67 2.33 3.02
N GLN A 214 -22.52 3.33 3.24
CA GLN A 214 -22.74 3.88 4.59
C GLN A 214 -24.17 3.76 5.14
N TRP A 215 -24.27 3.95 6.46
CA TRP A 215 -25.52 3.71 7.18
C TRP A 215 -25.62 4.54 8.44
N ILE A 216 -26.83 4.72 8.92
CA ILE A 216 -27.07 5.33 10.21
C ILE A 216 -27.52 4.22 11.13
N TYR A 217 -26.89 4.08 12.29
CA TYR A 217 -27.31 3.05 13.25
C TYR A 217 -28.10 3.68 14.37
N THR A 218 -29.38 3.31 14.43
CA THR A 218 -30.31 3.85 15.40
C THR A 218 -30.18 3.09 16.73
N PRO A 219 -30.75 3.65 17.80
CA PRO A 219 -30.41 3.26 19.17
C PRO A 219 -30.36 1.78 19.53
N PRO A 220 -31.32 0.94 19.10
CA PRO A 220 -31.17 -0.46 19.52
C PRO A 220 -29.89 -1.04 18.92
N MSE A 221 -29.65 -0.74 17.66
CA MSE A 221 -28.45 -1.20 16.98
C MSE A 221 -27.21 -0.65 17.67
O MSE A 221 -26.26 -1.39 17.91
CB MSE A 221 -28.49 -0.72 15.53
CG MSE A 221 -27.37 -1.28 14.67
SE MSE A 221 -27.57 -3.17 14.32
CE MSE A 221 -27.83 -3.07 12.39
N ALA A 222 -27.23 0.64 17.97
CA ALA A 222 -26.08 1.30 18.59
C ALA A 222 -25.83 0.81 20.03
N ALA A 223 -26.89 0.63 20.80
CA ALA A 223 -26.72 0.07 22.15
C ALA A 223 -26.02 -1.28 22.07
N LEU A 224 -26.44 -2.11 21.12
CA LEU A 224 -25.80 -3.40 20.90
C LEU A 224 -24.34 -3.17 20.63
N PHE A 225 -24.06 -2.31 19.65
CA PHE A 225 -22.71 -1.99 19.30
C PHE A 225 -21.87 -1.55 20.49
N GLU A 226 -22.39 -0.62 21.28
CA GLU A 226 -21.66 -0.09 22.44
C GLU A 226 -21.25 -1.21 23.39
N VAL A 227 -22.20 -2.01 23.86
CA VAL A 227 -21.88 -3.02 24.85
C VAL A 227 -21.03 -4.14 24.25
N LEU A 228 -21.32 -4.50 22.99
CA LEU A 228 -20.56 -5.53 22.30
C LEU A 228 -19.10 -5.15 22.29
N ARG A 229 -18.82 -3.95 21.79
CA ARG A 229 -17.50 -3.35 21.86
C ARG A 229 -16.90 -3.27 23.28
N ASP A 230 -17.68 -2.78 24.23
CA ASP A 230 -17.17 -2.68 25.61
C ASP A 230 -16.81 -4.06 26.16
N PHE A 231 -17.62 -5.06 25.82
CA PHE A 231 -17.41 -6.44 26.28
C PHE A 231 -16.16 -7.02 25.65
N LEU A 232 -15.90 -6.68 24.39
CA LEU A 232 -14.66 -7.10 23.71
C LEU A 232 -13.44 -6.50 24.40
N LEU A 233 -13.49 -5.19 24.61
CA LEU A 233 -12.42 -4.51 25.32
C LEU A 233 -12.17 -5.12 26.69
N GLU A 234 -13.24 -5.48 27.40
CA GLU A 234 -13.05 -6.05 28.72
C GLU A 234 -12.38 -7.40 28.60
N ARG A 235 -12.97 -8.30 27.82
CA ARG A 235 -12.54 -9.71 27.79
C ARG A 235 -11.20 -9.95 27.08
N VAL A 236 -10.95 -9.28 25.96
CA VAL A 236 -9.68 -9.48 25.24
C VAL A 236 -8.68 -8.33 25.45
N THR A 237 -8.93 -7.19 24.81
CA THR A 237 -7.99 -6.08 24.77
C THR A 237 -7.41 -5.84 26.15
N ARG A 238 -8.27 -5.43 27.06
CA ARG A 238 -7.83 -4.94 28.35
C ARG A 238 -7.30 -6.09 29.21
N LYS A 239 -7.89 -7.27 29.06
CA LYS A 239 -7.46 -8.48 29.79
C LYS A 239 -6.03 -8.88 29.46
N LEU A 240 -5.66 -8.79 28.20
CA LEU A 240 -4.31 -9.10 27.76
C LEU A 240 -3.36 -7.91 27.96
N GLY A 241 -3.89 -6.86 28.58
CA GLY A 241 -3.07 -5.76 29.05
C GLY A 241 -2.60 -4.79 27.99
N PHE A 242 -3.36 -4.68 26.92
CA PHE A 242 -3.07 -3.66 25.95
C PHE A 242 -3.44 -2.33 26.58
N GLU A 243 -2.57 -1.34 26.46
CA GLU A 243 -2.84 0.00 26.98
C GLU A 243 -3.47 0.87 25.90
N PRO A 244 -4.35 1.80 26.30
CA PRO A 244 -5.17 2.60 25.36
C PRO A 244 -4.37 3.67 24.63
N ALA A 245 -4.79 3.98 23.41
CA ALA A 245 -4.20 5.07 22.65
C ALA A 245 -5.24 5.75 21.77
N LEU A 246 -4.95 6.97 21.32
CA LEU A 246 -5.81 7.63 20.36
C LEU A 246 -4.99 7.82 19.11
N PHE A 247 -5.39 7.15 18.04
CA PHE A 247 -4.61 7.20 16.82
C PHE A 247 -5.41 7.98 15.81
N PRO A 248 -4.74 8.77 14.97
CA PRO A 248 -5.29 9.55 13.86
C PRO A 248 -5.99 8.64 12.87
N LYS A 249 -7.19 9.00 12.42
CA LYS A 249 -7.85 8.21 11.38
C LYS A 249 -7.58 8.80 10.01
N LEU A 250 -6.97 9.98 9.98
CA LEU A 250 -6.62 10.65 8.72
C LEU A 250 -5.11 10.48 8.45
N ILE A 251 -4.78 9.68 7.45
CA ILE A 251 -3.38 9.27 7.30
C ILE A 251 -2.67 9.85 6.09
N PRO A 252 -1.53 10.50 6.33
CA PRO A 252 -0.67 11.11 5.33
C PRO A 252 -0.28 10.13 4.25
N LEU A 253 -0.45 10.53 3.01
CA LEU A 253 -0.20 9.71 1.83
C LEU A 253 1.22 9.14 1.84
N GLU A 254 2.11 9.82 2.55
CA GLU A 254 3.49 9.38 2.63
C GLU A 254 3.61 8.25 3.65
N THR A 255 2.78 8.24 4.68
CA THR A 255 2.84 7.13 5.62
C THR A 255 2.36 5.90 4.89
N MSE A 256 1.38 6.12 4.04
CA MSE A 256 0.81 5.07 3.24
C MSE A 256 1.84 4.52 2.31
O MSE A 256 1.85 3.32 2.06
CB MSE A 256 -0.39 5.62 2.46
CG MSE A 256 -1.56 5.87 3.38
SE MSE A 256 -1.95 4.27 4.39
CE MSE A 256 -2.71 5.10 5.91
N PHE A 257 2.70 5.38 1.80
CA PHE A 257 3.74 4.98 0.88
C PHE A 257 4.85 4.16 1.58
N ARG A 258 5.20 4.59 2.78
CA ARG A 258 6.23 3.90 3.53
C ARG A 258 5.80 2.47 3.87
N MSE A 259 4.54 2.31 4.27
CA MSE A 259 3.96 1.01 4.56
C MSE A 259 3.96 0.06 3.36
O MSE A 259 3.88 -1.15 3.52
CB MSE A 259 2.53 1.19 5.04
CG MSE A 259 2.43 2.01 6.27
SE MSE A 259 0.61 2.08 6.98
CE MSE A 259 0.15 0.21 7.04
N ARG A 260 4.05 0.62 2.17
CA ARG A 260 3.87 -0.13 0.94
C ARG A 260 2.41 -0.43 0.74
N TYR A 261 1.59 -0.04 1.71
CA TYR A 261 0.16 -0.21 1.56
C TYR A 261 -0.43 0.55 0.34
N LEU A 262 0.10 1.70 0.00
CA LEU A 262 -0.38 2.42 -1.17
C LEU A 262 -0.17 1.60 -2.45
N HIS A 263 0.98 0.97 -2.55
CA HIS A 263 1.30 0.10 -3.68
C HIS A 263 0.29 -1.06 -3.77
N GLY A 264 -0.21 -1.48 -2.61
CA GLY A 264 -1.06 -2.64 -2.48
C GLY A 264 -2.51 -2.52 -2.85
N LEU A 265 -3.15 -1.47 -2.34
CA LEU A 265 -4.58 -1.27 -2.56
C LEU A 265 -4.91 0.16 -2.93
N PRO A 266 -4.31 0.66 -4.00
CA PRO A 266 -4.60 2.07 -4.29
C PRO A 266 -6.08 2.33 -4.64
N ASP A 267 -6.81 1.30 -5.05
CA ASP A 267 -8.17 1.47 -5.53
C ASP A 267 -9.22 1.21 -4.46
N GLY A 268 -8.76 0.86 -3.27
CA GLY A 268 -9.66 0.53 -2.18
C GLY A 268 -9.61 1.57 -1.12
N MSE A 269 -9.03 2.72 -1.43
CA MSE A 269 -8.98 3.78 -0.44
C MSE A 269 -9.70 5.02 -0.92
O MSE A 269 -9.87 5.22 -2.14
CB MSE A 269 -7.54 4.14 -0.17
CG MSE A 269 -6.76 3.05 0.51
SE MSE A 269 -4.95 3.63 0.77
CE MSE A 269 -4.62 3.85 -1.13
N TYR A 270 -10.11 5.84 0.05
CA TYR A 270 -10.62 7.17 -0.21
C TYR A 270 -9.48 8.18 -0.13
N TYR A 271 -9.40 9.10 -1.10
CA TYR A 271 -8.38 10.14 -1.03
C TYR A 271 -8.89 11.47 -0.56
N VAL A 272 -8.05 12.17 0.19
CA VAL A 272 -8.43 13.40 0.86
C VAL A 272 -7.51 14.54 0.45
N CYS A 273 -8.12 15.67 0.04
CA CYS A 273 -7.38 16.86 -0.35
C CYS A 273 -7.83 17.99 0.56
N PRO A 274 -6.86 18.79 1.08
CA PRO A 274 -7.25 19.96 1.86
C PRO A 274 -7.40 21.17 0.97
N PRO A 275 -7.90 22.26 1.54
CA PRO A 275 -8.11 23.44 0.70
C PRO A 275 -6.86 24.28 0.52
N LYS A 276 -6.80 24.99 -0.59
CA LYS A 276 -5.71 25.93 -0.81
C LYS A 276 -5.79 27.07 0.23
N ARG A 277 -4.69 27.80 0.40
CA ARG A 277 -4.57 28.84 1.42
C ARG A 277 -5.43 30.07 1.12
N ASP A 278 -5.32 30.55 -0.11
CA ASP A 278 -5.87 31.85 -0.47
C ASP A 278 -7.37 31.89 -0.27
N PRO A 279 -7.83 32.71 0.70
CA PRO A 279 -9.20 32.78 1.18
C PRO A 279 -10.14 33.42 0.16
N GLU A 280 -9.56 34.12 -0.79
CA GLU A 280 -10.37 34.77 -1.81
C GLU A 280 -10.88 33.77 -2.83
N LEU A 281 -10.12 32.71 -3.06
CA LEU A 281 -10.57 31.65 -3.94
C LEU A 281 -11.90 31.17 -3.44
N PHE A 282 -12.05 31.07 -2.14
CA PHE A 282 -13.32 30.65 -1.59
C PHE A 282 -14.35 31.75 -1.52
N ASP A 283 -13.89 33.01 -1.48
CA ASP A 283 -14.85 34.09 -1.56
C ASP A 283 -15.54 33.92 -2.89
N ASP A 284 -14.73 33.83 -3.93
CA ASP A 284 -15.20 33.60 -5.29
C ASP A 284 -16.08 32.36 -5.40
N PHE A 285 -15.64 31.25 -4.84
CA PHE A 285 -16.41 30.02 -4.86
C PHE A 285 -17.80 30.23 -4.28
N LYS A 286 -17.85 30.78 -3.08
CA LYS A 286 -19.11 31.07 -2.39
C LYS A 286 -20.07 31.82 -3.33
N ARG A 287 -19.49 32.66 -4.18
CA ARG A 287 -20.26 33.45 -5.12
C ARG A 287 -20.81 32.57 -6.25
N GLU A 288 -19.95 31.72 -6.82
CA GLU A 288 -20.39 30.77 -7.84
C GLU A 288 -21.48 29.85 -7.28
N LEU A 289 -21.33 29.44 -6.04
CA LEU A 289 -22.36 28.64 -5.41
C LEU A 289 -23.73 29.32 -5.37
N TYR A 290 -23.78 30.56 -4.91
CA TYR A 290 -25.02 31.30 -4.78
C TYR A 290 -25.73 31.41 -6.15
N VAL A 291 -24.94 31.81 -7.14
CA VAL A 291 -25.44 32.12 -8.45
C VAL A 291 -25.98 30.87 -9.15
N TRP A 292 -25.28 29.75 -9.01
CA TRP A 292 -25.76 28.50 -9.64
C TRP A 292 -26.82 27.84 -8.79
N GLY A 293 -26.70 28.02 -7.49
CA GLY A 293 -27.69 27.50 -6.56
C GLY A 293 -27.74 25.98 -6.49
N GLU A 294 -26.68 25.33 -6.97
CA GLU A 294 -26.59 23.87 -6.97
C GLU A 294 -25.16 23.42 -7.17
N LEU A 295 -24.89 22.16 -6.84
CA LEU A 295 -23.63 21.53 -7.25
C LEU A 295 -23.82 20.97 -8.64
N ASN A 296 -23.06 21.48 -9.59
CA ASN A 296 -23.13 21.01 -10.94
C ASN A 296 -21.74 20.96 -11.55
N GLU A 297 -21.63 20.65 -12.82
CA GLU A 297 -20.33 20.55 -13.43
C GLU A 297 -19.54 21.79 -13.17
N ARG A 298 -20.17 22.95 -13.36
CA ARG A 298 -19.44 24.22 -13.26
C ARG A 298 -18.95 24.44 -11.83
N THR A 299 -19.86 24.42 -10.85
CA THR A 299 -19.46 24.64 -9.45
C THR A 299 -18.60 23.52 -8.88
N LEU A 300 -18.93 22.28 -9.23
CA LEU A 300 -18.13 21.14 -8.77
C LEU A 300 -16.73 21.12 -9.39
N GLY A 301 -16.59 21.65 -10.61
CA GLY A 301 -15.30 21.73 -11.26
C GLY A 301 -14.51 22.84 -10.62
N SER A 302 -15.18 23.98 -10.44
CA SER A 302 -14.66 25.11 -9.70
C SER A 302 -14.23 24.74 -8.27
N LEU A 303 -14.96 23.82 -7.65
CA LEU A 303 -14.52 23.35 -6.34
C LEU A 303 -13.13 22.68 -6.44
N LYS A 304 -12.94 21.79 -7.40
CA LYS A 304 -11.68 21.09 -7.59
C LYS A 304 -10.48 22.04 -7.70
N GLU A 305 -10.70 23.21 -8.28
CA GLU A 305 -9.62 24.14 -8.52
C GLU A 305 -9.11 24.80 -7.24
N LYS A 306 -9.92 24.77 -6.19
CA LYS A 306 -9.56 25.44 -4.93
C LYS A 306 -8.97 24.42 -3.98
N LEU A 307 -8.82 23.19 -4.47
CA LEU A 307 -8.28 22.09 -3.67
C LEU A 307 -6.82 21.88 -3.97
N ARG A 308 -6.11 21.38 -2.97
CA ARG A 308 -4.72 20.98 -3.13
C ARG A 308 -4.57 19.55 -3.68
N ASP A 309 -3.35 19.10 -3.88
CA ASP A 309 -3.14 17.72 -4.27
C ASP A 309 -3.54 16.79 -3.15
N PRO A 310 -3.99 15.58 -3.49
CA PRO A 310 -4.38 14.71 -2.36
C PRO A 310 -3.18 14.40 -1.46
N GLY A 311 -3.34 14.68 -0.17
CA GLY A 311 -2.31 14.37 0.79
C GLY A 311 -2.63 13.41 1.88
N TYR A 312 -3.77 12.77 1.83
CA TYR A 312 -4.12 11.82 2.87
C TYR A 312 -5.04 10.74 2.33
N VAL A 313 -5.19 9.68 3.11
CA VAL A 313 -6.20 8.69 2.83
C VAL A 313 -6.99 8.44 4.10
N LEU A 314 -8.29 8.24 3.98
CA LEU A 314 -9.04 7.79 5.14
C LEU A 314 -8.53 6.39 5.44
N ALA A 315 -8.09 6.24 6.69
CA ALA A 315 -7.35 5.09 7.17
C ALA A 315 -8.17 3.82 7.03
N PRO A 316 -7.74 2.91 6.12
CA PRO A 316 -8.13 1.50 5.88
C PRO A 316 -7.48 0.40 6.75
N ALA A 317 -6.20 0.57 7.06
CA ALA A 317 -5.46 -0.34 7.94
C ALA A 317 -5.85 -0.25 9.42
N GLN A 318 -5.98 0.98 9.90
CA GLN A 318 -6.36 1.27 11.29
C GLN A 318 -5.21 1.17 12.30
N CYS A 319 -4.01 0.84 11.84
CA CYS A 319 -2.84 0.66 12.72
C CYS A 319 -1.67 1.58 12.39
N GLU A 320 -1.82 2.34 11.31
CA GLU A 320 -0.78 3.16 10.72
C GLU A 320 -0.12 4.14 11.69
N PRO A 321 -0.88 4.82 12.53
CA PRO A 321 -0.16 5.84 13.30
C PRO A 321 0.94 5.23 14.18
N PHE A 322 0.88 3.94 14.45
CA PHE A 322 1.83 3.29 15.35
C PHE A 322 3.24 3.23 14.80
N TYR A 323 3.39 3.15 13.48
CA TYR A 323 4.72 3.10 12.89
C TYR A 323 5.31 4.49 12.84
N GLU A 324 4.43 5.49 12.73
CA GLU A 324 4.84 6.88 12.83
C GLU A 324 5.30 7.20 14.24
N LEU A 325 4.69 6.54 15.22
CA LEU A 325 5.08 6.69 16.61
C LEU A 325 6.50 6.18 16.83
N LEU A 326 6.77 4.93 16.47
CA LEU A 326 8.10 4.31 16.69
C LEU A 326 9.18 4.76 15.73
N ARG A 327 8.78 5.50 14.70
CA ARG A 327 9.67 5.83 13.60
C ARG A 327 10.96 6.51 14.04
N ASP A 328 12.07 5.95 13.60
CA ASP A 328 13.42 6.45 13.90
C ASP A 328 13.80 6.39 15.37
N GLU A 329 13.15 5.52 16.12
CA GLU A 329 13.35 5.44 17.55
C GLU A 329 14.12 4.15 17.83
N VAL A 330 14.76 4.07 18.98
CA VAL A 330 15.52 2.90 19.31
C VAL A 330 15.02 2.27 20.61
N VAL A 331 14.90 0.95 20.62
CA VAL A 331 14.21 0.25 21.68
C VAL A 331 15.12 -0.62 22.55
N ASP A 332 14.68 -0.82 23.79
CA ASP A 332 15.39 -1.63 24.75
C ASP A 332 14.41 -2.68 25.26
N PRO A 333 14.87 -3.92 25.41
CA PRO A 333 14.01 -5.01 25.89
C PRO A 333 13.31 -4.69 27.20
N GLU A 334 13.86 -3.77 27.98
CA GLU A 334 13.24 -3.31 29.21
C GLU A 334 12.03 -2.47 28.87
N ARG A 335 12.05 -1.90 27.66
CA ARG A 335 10.94 -1.10 27.15
C ARG A 335 9.95 -1.96 26.36
N LEU A 336 10.36 -3.20 26.11
CA LEU A 336 9.54 -4.21 25.43
C LEU A 336 8.74 -5.16 26.32
N PRO A 337 7.59 -5.64 25.82
CA PRO A 337 7.05 -5.23 24.52
C PRO A 337 6.24 -3.96 24.68
N ILE A 338 5.75 -3.41 23.57
CA ILE A 338 4.82 -2.30 23.65
C ILE A 338 3.50 -2.72 23.04
N LYS A 339 2.42 -2.65 23.81
CA LYS A 339 1.12 -3.12 23.38
C LYS A 339 0.08 -2.03 23.60
N LEU A 340 -0.45 -1.51 22.50
CA LEU A 340 -1.44 -0.42 22.50
C LEU A 340 -2.70 -0.86 21.77
N TYR A 341 -3.83 -0.25 22.08
CA TYR A 341 -5.01 -0.46 21.28
C TYR A 341 -5.68 0.88 21.03
N ASP A 342 -6.45 0.97 19.94
CA ASP A 342 -7.21 2.17 19.61
C ASP A 342 -8.64 1.85 19.15
N CYS A 343 -9.62 2.48 19.79
CA CYS A 343 -11.04 2.32 19.47
C CYS A 343 -11.68 3.66 19.10
N SER A 344 -10.88 4.58 18.58
CA SER A 344 -11.30 5.96 18.35
C SER A 344 -12.47 6.24 17.38
N GLY A 345 -12.58 5.49 16.28
CA GLY A 345 -13.52 5.87 15.24
C GLY A 345 -13.63 4.97 14.02
N TRP A 346 -14.09 5.56 12.92
CA TRP A 346 -14.41 4.80 11.74
C TRP A 346 -13.17 4.60 10.87
N THR A 347 -13.11 3.42 10.26
CA THR A 347 -12.03 2.98 9.42
C THR A 347 -12.75 2.80 8.08
N TYR A 348 -12.08 3.16 6.99
CA TYR A 348 -12.73 3.17 5.68
C TYR A 348 -12.08 2.26 4.65
N ARG A 349 -12.90 1.56 3.87
CA ARG A 349 -12.43 0.80 2.74
C ARG A 349 -13.35 1.14 1.60
N TRP A 350 -12.80 1.51 0.46
CA TRP A 350 -13.65 1.72 -0.68
C TRP A 350 -13.76 0.40 -1.39
N GLU A 351 -14.94 -0.19 -1.34
CA GLU A 351 -15.25 -1.29 -2.24
C GLU A 351 -16.24 -0.65 -3.19
N GLY A 352 -16.07 -0.91 -4.48
CA GLY A 352 -17.08 -0.48 -5.44
C GLY A 352 -18.09 -1.58 -5.58
N GLY A 353 -19.36 -1.24 -5.74
CA GLY A 353 -20.33 -2.27 -6.05
C GLY A 353 -21.65 -2.00 -5.36
N ALA A 354 -22.57 -2.95 -5.44
CA ALA A 354 -23.74 -2.87 -4.60
C ALA A 354 -23.17 -2.93 -3.19
N ALA A 355 -23.44 -1.89 -2.40
CA ALA A 355 -22.83 -1.77 -1.09
C ALA A 355 -23.76 -2.35 -0.05
N LYS A 356 -24.79 -3.04 -0.52
CA LYS A 356 -25.96 -3.30 0.31
C LYS A 356 -25.73 -4.21 1.53
N GLY A 357 -24.55 -4.82 1.66
CA GLY A 357 -24.31 -5.65 2.82
C GLY A 357 -24.07 -4.88 4.10
N LEU A 358 -24.61 -5.37 5.20
CA LEU A 358 -24.25 -4.78 6.49
C LEU A 358 -22.98 -5.44 6.95
N GLU A 359 -22.70 -6.58 6.32
CA GLU A 359 -21.53 -7.35 6.63
C GLU A 359 -20.30 -6.81 5.87
N ARG A 360 -20.51 -6.08 4.78
CA ARG A 360 -19.40 -5.41 4.12
C ARG A 360 -19.72 -3.96 3.86
N VAL A 361 -19.07 -3.07 4.60
CA VAL A 361 -19.40 -1.64 4.55
C VAL A 361 -18.16 -0.82 4.31
N ASN A 362 -18.35 0.42 3.88
CA ASN A 362 -17.24 1.31 3.60
C ASN A 362 -16.72 2.01 4.85
N GLU A 363 -17.61 2.16 5.81
CA GLU A 363 -17.34 2.88 7.05
C GLU A 363 -17.57 1.91 8.19
N PHE A 364 -16.51 1.47 8.85
CA PHE A 364 -16.70 0.47 9.90
C PHE A 364 -15.95 0.80 11.17
N GLN A 365 -16.34 0.14 12.27
CA GLN A 365 -15.73 0.32 13.57
C GLN A 365 -14.90 -0.90 13.93
N ARG A 366 -13.62 -0.71 14.25
CA ARG A 366 -12.88 -1.82 14.82
C ARG A 366 -11.93 -1.42 15.92
N ILE A 367 -11.70 -2.38 16.82
CA ILE A 367 -10.66 -2.28 17.83
C ILE A 367 -9.35 -2.75 17.20
N GLU A 368 -8.32 -1.90 17.21
CA GLU A 368 -7.04 -2.23 16.59
C GLU A 368 -6.06 -2.44 17.71
N HIS A 369 -5.50 -3.65 17.82
CA HIS A 369 -4.38 -3.87 18.73
C HIS A 369 -3.11 -3.84 17.93
N VAL A 370 -2.08 -3.29 18.53
CA VAL A 370 -0.83 -3.07 17.85
C VAL A 370 0.30 -3.37 18.82
N TRP A 371 1.39 -3.99 18.34
CA TRP A 371 2.50 -4.31 19.26
C TRP A 371 3.88 -4.53 18.60
N ILE A 372 4.91 -4.36 19.42
CA ILE A 372 6.28 -4.55 18.99
C ILE A 372 7.07 -5.36 20.04
N ALA A 373 7.84 -6.33 19.57
CA ALA A 373 8.64 -7.12 20.49
C ALA A 373 9.62 -7.99 19.74
N GLU A 374 10.47 -8.67 20.49
CA GLU A 374 11.35 -9.66 19.92
C GLU A 374 10.47 -10.80 19.42
N PRO A 375 10.92 -11.51 18.37
CA PRO A 375 9.92 -12.23 17.59
C PRO A 375 9.31 -13.44 18.28
N GLU A 376 9.98 -14.03 19.26
CA GLU A 376 9.37 -15.13 19.98
C GLU A 376 8.20 -14.56 20.75
N GLU A 377 8.46 -13.47 21.46
CA GLU A 377 7.42 -12.73 22.19
C GLU A 377 6.36 -12.19 21.23
N ALA A 378 6.79 -11.76 20.05
CA ALA A 378 5.89 -11.21 19.03
C ALA A 378 4.77 -12.19 18.68
N TYR A 379 5.14 -13.44 18.42
CA TYR A 379 4.16 -14.43 17.98
C TYR A 379 3.23 -14.90 19.11
N ARG A 380 3.67 -14.74 20.35
CA ARG A 380 2.89 -15.17 21.50
C ARG A 380 1.72 -14.25 21.73
N ILE A 381 1.97 -12.97 21.57
CA ILE A 381 0.93 -11.98 21.69
C ILE A 381 -0.19 -12.32 20.71
N ARG A 382 0.16 -12.71 19.49
CA ARG A 382 -0.89 -13.09 18.56
C ARG A 382 -1.63 -14.36 19.00
N ARG A 383 -0.89 -15.37 19.50
CA ARG A 383 -1.51 -16.58 20.01
C ARG A 383 -2.49 -16.20 21.12
N GLU A 384 -1.98 -15.53 22.16
CA GLU A 384 -2.80 -15.13 23.30
C GLU A 384 -4.06 -14.45 22.83
N LEU A 385 -3.88 -13.42 22.00
CA LEU A 385 -4.96 -12.71 21.34
C LEU A 385 -5.99 -13.65 20.70
N LEU A 386 -5.53 -14.66 19.97
CA LEU A 386 -6.47 -15.59 19.37
C LEU A 386 -7.23 -16.38 20.44
N GLU A 387 -6.50 -16.95 21.38
CA GLU A 387 -7.12 -17.71 22.48
C GLU A 387 -8.12 -16.83 23.19
N ALA A 388 -7.72 -15.59 23.45
CA ALA A 388 -8.61 -14.60 24.08
C ALA A 388 -9.93 -14.48 23.36
N THR A 389 -9.84 -14.42 22.03
CA THR A 389 -10.99 -14.15 21.17
C THR A 389 -11.88 -15.37 21.06
N LYS A 390 -11.26 -16.54 21.13
CA LYS A 390 -12.00 -17.76 20.99
C LYS A 390 -12.92 -17.85 22.19
N ARG A 391 -12.34 -17.64 23.36
CA ARG A 391 -13.11 -17.67 24.59
C ARG A 391 -14.28 -16.67 24.51
N VAL A 392 -14.04 -15.43 24.11
CA VAL A 392 -15.15 -14.48 23.94
C VAL A 392 -16.25 -14.99 23.01
N ALA A 393 -15.85 -15.63 21.91
CA ALA A 393 -16.83 -16.09 20.94
C ALA A 393 -17.70 -17.14 21.59
N GLU A 394 -17.08 -17.94 22.45
CA GLU A 394 -17.83 -18.93 23.19
C GLU A 394 -18.81 -18.27 24.15
N GLU A 395 -18.34 -17.28 24.91
CA GLU A 395 -19.22 -16.53 25.82
C GLU A 395 -20.35 -15.84 25.10
N LEU A 396 -20.16 -15.56 23.82
CA LEU A 396 -21.20 -14.95 22.99
C LEU A 396 -21.97 -16.01 22.20
N GLU A 397 -21.63 -17.28 22.46
CA GLU A 397 -22.34 -18.44 21.89
C GLU A 397 -22.43 -18.36 20.39
N LEU A 398 -21.28 -18.11 19.78
CA LEU A 398 -21.17 -17.99 18.35
C LEU A 398 -20.43 -19.18 17.76
N GLU A 399 -20.77 -19.53 16.52
CA GLU A 399 -20.09 -20.58 15.80
C GLU A 399 -18.93 -19.90 15.06
N TRP A 400 -17.70 -20.41 15.20
CA TRP A 400 -16.53 -19.71 14.64
C TRP A 400 -15.43 -20.63 14.13
N LYS A 401 -14.69 -20.16 13.13
CA LYS A 401 -13.49 -20.86 12.69
C LYS A 401 -12.30 -19.90 12.62
N VAL A 402 -11.09 -20.43 12.80
CA VAL A 402 -9.86 -19.67 12.55
C VAL A 402 -9.11 -20.27 11.37
N VAL A 403 -8.91 -19.48 10.31
CA VAL A 403 -8.23 -19.99 9.14
C VAL A 403 -7.09 -19.08 8.69
N VAL A 404 -6.22 -19.63 7.85
CA VAL A 404 -5.06 -18.91 7.35
C VAL A 404 -5.54 -17.81 6.41
N SER A 405 -5.16 -16.58 6.70
CA SER A 405 -5.71 -15.47 5.95
C SER A 405 -5.31 -15.47 4.47
N ASP A 406 -6.28 -15.20 3.61
CA ASP A 406 -6.08 -15.36 2.17
C ASP A 406 -4.97 -14.48 1.61
N ASP A 407 -4.93 -13.23 2.02
CA ASP A 407 -3.87 -12.33 1.58
C ASP A 407 -3.45 -11.38 2.69
N PRO A 408 -2.17 -11.05 2.74
CA PRO A 408 -1.68 -10.06 3.70
C PRO A 408 -2.24 -8.72 3.28
N PHE A 409 -2.67 -7.90 4.22
CA PHE A 409 -3.22 -6.59 3.85
C PHE A 409 -2.17 -5.67 3.19
N TYR A 410 -1.01 -5.63 3.85
CA TYR A 410 0.17 -4.84 3.49
C TYR A 410 1.01 -5.63 2.48
N LEU A 411 0.52 -6.83 2.16
CA LEU A 411 1.10 -7.53 1.05
C LEU A 411 0.27 -7.48 -0.22
N GLU A 412 -0.87 -6.77 -0.21
CA GLU A 412 -1.87 -6.93 -1.30
C GLU A 412 -1.39 -6.56 -2.75
N GLY A 413 -0.16 -6.05 -2.89
CA GLY A 413 0.51 -5.86 -4.18
C GLY A 413 1.65 -6.85 -4.36
N ARG A 414 2.50 -6.67 -5.38
CA ARG A 414 3.52 -7.69 -5.68
C ARG A 414 4.98 -7.26 -5.77
N LEU A 415 5.33 -6.47 -6.77
CA LEU A 415 6.73 -6.28 -7.19
C LEU A 415 7.60 -5.82 -6.01
N LEU A 416 6.95 -5.55 -4.88
CA LEU A 416 7.67 -5.27 -3.64
C LEU A 416 8.64 -6.45 -3.35
N GLU A 417 8.48 -7.51 -4.13
CA GLU A 417 9.38 -8.67 -4.10
C GLU A 417 10.82 -8.19 -4.33
N ASP A 418 10.94 -6.91 -4.69
CA ASP A 418 12.22 -6.25 -4.84
C ASP A 418 13.16 -6.29 -3.61
N ARG A 419 12.65 -6.03 -2.41
CA ARG A 419 13.48 -6.04 -1.19
C ARG A 419 13.80 -7.44 -0.64
N ASP A 420 14.41 -7.46 0.55
CA ASP A 420 14.62 -8.70 1.32
C ASP A 420 14.52 -8.51 2.85
N ILE A 421 13.63 -9.28 3.50
CA ILE A 421 13.24 -9.05 4.90
C ILE A 421 12.69 -10.32 5.55
N GLU A 422 12.71 -10.39 6.89
CA GLU A 422 12.29 -11.60 7.60
C GLU A 422 10.78 -11.67 7.79
N LEU A 423 10.14 -12.71 7.26
CA LEU A 423 8.68 -12.84 7.30
C LEU A 423 8.22 -14.11 7.97
N PRO A 424 7.11 -14.02 8.70
CA PRO A 424 6.51 -15.14 9.41
C PRO A 424 6.03 -16.15 8.38
N ASP A 425 5.92 -17.42 8.77
CA ASP A 425 5.39 -18.42 7.84
C ASP A 425 3.91 -18.19 7.56
N VAL A 426 3.20 -17.65 8.54
CA VAL A 426 1.79 -17.39 8.36
C VAL A 426 1.45 -15.99 8.82
N PRO A 427 1.67 -15.00 7.95
CA PRO A 427 1.45 -13.59 8.27
C PRO A 427 0.10 -13.26 8.92
N SER A 428 -1.00 -13.83 8.43
CA SER A 428 -2.31 -13.36 8.85
C SER A 428 -3.26 -14.52 9.12
N TYR A 429 -3.97 -14.45 10.24
CA TYR A 429 -5.04 -15.40 10.51
C TYR A 429 -6.36 -14.63 10.59
N GLU A 430 -7.44 -15.28 10.21
CA GLU A 430 -8.74 -14.64 10.31
C GLU A 430 -9.65 -15.41 11.27
N PHE A 431 -10.35 -14.66 12.10
CA PHE A 431 -11.39 -15.21 12.96
C PHE A 431 -12.69 -15.04 12.19
N GLU A 432 -13.25 -16.15 11.73
CA GLU A 432 -14.47 -16.08 10.95
C GLU A 432 -15.66 -16.54 11.79
N VAL A 433 -16.82 -15.96 11.50
CA VAL A 433 -18.04 -16.21 12.25
C VAL A 433 -19.12 -16.65 11.26
N TYR A 434 -19.89 -17.66 11.62
CA TYR A 434 -20.89 -18.19 10.70
C TYR A 434 -22.15 -17.30 10.61
N LEU A 435 -22.57 -16.96 9.40
CA LEU A 435 -23.86 -16.30 9.24
C LEU A 435 -24.84 -17.25 8.58
N PRO A 436 -25.76 -17.80 9.37
CA PRO A 436 -26.74 -18.76 8.86
C PRO A 436 -27.51 -18.32 7.61
N PHE A 437 -27.95 -17.08 7.54
CA PHE A 437 -28.83 -16.69 6.44
C PHE A 437 -28.14 -16.72 5.07
N LYS A 438 -26.82 -16.81 5.08
CA LYS A 438 -26.01 -16.81 3.85
C LYS A 438 -25.85 -18.17 3.12
N GLY A 439 -25.99 -19.28 3.85
CA GLY A 439 -25.90 -20.63 3.28
C GLY A 439 -25.38 -21.65 4.28
N GLU A 440 -25.27 -22.91 3.88
CA GLU A 440 -24.79 -23.97 4.79
C GLU A 440 -23.32 -23.72 5.16
N ARG A 441 -22.92 -24.23 6.33
CA ARG A 441 -21.62 -23.94 6.92
C ARG A 441 -20.42 -24.27 6.01
N SER A 442 -20.64 -25.15 5.05
CA SER A 442 -19.61 -25.56 4.09
C SER A 442 -19.17 -24.37 3.23
N SER A 443 -20.09 -23.43 3.04
CA SER A 443 -19.89 -22.32 2.12
C SER A 443 -19.13 -21.17 2.74
N GLU A 444 -17.99 -20.83 2.15
CA GLU A 444 -17.09 -19.82 2.69
C GLU A 444 -17.72 -18.42 2.69
N GLU A 445 -18.75 -18.23 1.88
CA GLU A 445 -19.41 -16.94 1.79
C GLU A 445 -20.45 -16.78 2.91
N ALA A 446 -20.63 -17.84 3.69
CA ALA A 446 -21.51 -17.82 4.87
C ALA A 446 -20.71 -17.51 6.14
N TRP A 447 -19.43 -17.22 5.95
CA TRP A 447 -18.56 -16.85 7.06
C TRP A 447 -17.93 -15.49 6.74
N ILE A 448 -17.96 -14.57 7.70
CA ILE A 448 -17.24 -13.29 7.57
C ILE A 448 -16.13 -13.21 8.58
N SER A 449 -15.11 -12.42 8.27
CA SER A 449 -14.00 -12.26 9.18
C SER A 449 -14.31 -11.17 10.22
N VAL A 450 -14.38 -11.56 11.48
CA VAL A 450 -14.68 -10.57 12.52
C VAL A 450 -13.40 -10.05 13.15
N GLY A 451 -12.28 -10.57 12.66
CA GLY A 451 -10.99 -10.07 13.08
C GLY A 451 -9.86 -10.72 12.31
N SER A 452 -8.72 -10.04 12.26
CA SER A 452 -7.52 -10.56 11.61
C SER A 452 -6.36 -10.46 12.57
N PHE A 453 -5.56 -11.51 12.65
CA PHE A 453 -4.43 -11.52 13.57
C PHE A 453 -3.08 -11.63 12.85
N ASN A 454 -2.33 -10.54 12.82
CA ASN A 454 -1.11 -10.50 12.00
C ASN A 454 0.18 -10.15 12.73
N VAL A 455 1.17 -11.03 12.57
CA VAL A 455 2.58 -10.73 12.81
C VAL A 455 3.15 -10.22 11.48
N HIS A 456 3.84 -9.08 11.52
CA HIS A 456 4.37 -8.49 10.28
C HIS A 456 5.82 -8.88 9.95
N GLY A 457 6.46 -9.62 10.83
CA GLY A 457 7.89 -9.82 10.73
C GLY A 457 8.60 -8.49 10.88
N GLU A 458 9.62 -8.26 10.06
CA GLU A 458 10.43 -7.05 10.11
C GLU A 458 9.96 -5.95 9.14
N HIS A 459 8.85 -6.18 8.44
CA HIS A 459 8.41 -5.28 7.36
C HIS A 459 8.30 -3.77 7.70
N PHE A 460 7.53 -3.41 8.72
CA PHE A 460 7.40 -1.99 9.08
C PHE A 460 8.56 -1.49 9.94
N VAL A 461 9.13 -2.38 10.75
CA VAL A 461 10.32 -2.05 11.51
C VAL A 461 11.38 -1.54 10.57
N ASP A 462 11.48 -2.15 9.39
CA ASP A 462 12.44 -1.76 8.36
C ASP A 462 12.11 -0.41 7.70
N GLY A 463 10.90 -0.27 7.19
CA GLY A 463 10.52 0.93 6.46
C GLY A 463 10.41 2.18 7.30
N PHE A 464 10.09 1.99 8.57
CA PHE A 464 10.08 3.08 9.54
C PHE A 464 11.35 3.18 10.36
N ASN A 465 12.37 2.40 10.00
CA ASN A 465 13.68 2.59 10.57
C ASN A 465 13.65 2.53 12.10
N VAL A 466 12.96 1.52 12.61
CA VAL A 466 12.89 1.23 14.02
C VAL A 466 13.98 0.23 14.37
N LYS A 467 14.84 0.56 15.32
CA LYS A 467 16.03 -0.24 15.60
C LYS A 467 16.09 -0.63 17.07
N GLU A 468 16.99 -1.56 17.40
CA GLU A 468 17.20 -1.94 18.78
C GLU A 468 18.63 -1.59 19.20
N LYS A 469 18.82 -1.23 20.46
CA LYS A 469 20.11 -0.77 20.96
C LYS A 469 21.22 -1.75 20.61
N SER A 470 21.03 -3.00 21.04
CA SER A 470 21.92 -4.10 20.72
C SER A 470 21.98 -4.31 19.20
N GLY A 471 20.83 -4.26 18.55
CA GLY A 471 20.70 -4.73 17.18
C GLY A 471 19.91 -6.00 17.07
N ARG A 472 19.28 -6.41 18.17
CA ARG A 472 18.38 -7.55 18.16
C ARG A 472 17.31 -7.34 17.08
N THR A 473 16.81 -8.44 16.53
CA THR A 473 15.68 -8.44 15.60
C THR A 473 14.37 -8.02 16.25
N LEU A 474 13.68 -7.07 15.62
CA LEU A 474 12.37 -6.66 16.09
C LEU A 474 11.23 -7.04 15.14
N PHE A 475 10.10 -7.41 15.74
CA PHE A 475 8.88 -7.73 15.01
C PHE A 475 7.75 -6.81 15.45
N THR A 476 6.79 -6.56 14.58
CA THR A 476 5.54 -5.89 14.99
C THR A 476 4.39 -6.80 14.64
N GLY A 477 3.22 -6.49 15.17
CA GLY A 477 2.04 -7.16 14.70
C GLY A 477 0.85 -6.30 15.04
N CYS A 478 -0.26 -6.54 14.35
CA CYS A 478 -1.52 -5.95 14.78
C CYS A 478 -2.59 -7.00 14.76
N ALA A 479 -3.60 -6.83 15.60
CA ALA A 479 -4.81 -7.59 15.46
C ALA A 479 -5.95 -6.59 15.45
N GLY A 480 -6.99 -6.84 14.68
CA GLY A 480 -8.17 -6.07 14.92
C GLY A 480 -9.50 -6.76 14.74
N LEU A 481 -10.45 -6.30 15.54
CA LEU A 481 -11.76 -6.87 15.62
C LEU A 481 -12.76 -5.88 15.00
N GLY A 482 -13.34 -6.23 13.85
CA GLY A 482 -14.43 -5.42 13.32
C GLY A 482 -15.63 -5.59 14.21
N VAL A 483 -15.97 -4.53 14.91
CA VAL A 483 -17.00 -4.66 15.90
C VAL A 483 -18.31 -4.59 15.14
N THR A 484 -18.32 -3.77 14.09
CA THR A 484 -19.46 -3.73 13.20
C THR A 484 -19.80 -5.16 12.85
N ARG A 485 -18.77 -5.91 12.47
CA ARG A 485 -18.93 -7.30 12.05
C ARG A 485 -19.42 -8.23 13.14
N TRP A 486 -18.73 -8.20 14.29
CA TRP A 486 -19.21 -8.93 15.46
C TRP A 486 -20.70 -8.67 15.73
N VAL A 487 -21.15 -7.42 15.58
CA VAL A 487 -22.57 -7.15 15.80
C VAL A 487 -23.45 -7.95 14.81
N VAL A 488 -23.12 -7.88 13.53
CA VAL A 488 -23.88 -8.57 12.50
C VAL A 488 -23.95 -10.06 12.75
N GLY A 489 -22.82 -10.62 13.14
CA GLY A 489 -22.75 -12.03 13.51
C GLY A 489 -23.60 -12.37 14.71
N LEU A 490 -23.58 -11.53 15.74
CA LEU A 490 -24.44 -11.76 16.89
C LEU A 490 -25.92 -11.85 16.45
N LEU A 491 -26.40 -10.83 15.78
CA LEU A 491 -27.73 -10.88 15.19
C LEU A 491 -27.91 -12.10 14.28
N ALA A 492 -27.03 -12.27 13.30
CA ALA A 492 -27.15 -13.40 12.39
C ALA A 492 -27.41 -14.75 13.11
N GLN A 493 -26.68 -14.96 14.20
CA GLN A 493 -26.82 -16.16 15.02
C GLN A 493 -27.94 -16.16 16.07
N HIS A 494 -28.01 -15.12 16.90
CA HIS A 494 -28.95 -15.10 18.02
C HIS A 494 -30.28 -14.42 17.71
N GLY A 495 -30.35 -13.73 16.57
CA GLY A 495 -31.57 -13.05 16.16
C GLY A 495 -31.75 -11.68 16.78
N PHE A 496 -32.92 -11.07 16.56
CA PHE A 496 -33.19 -9.70 17.00
C PHE A 496 -33.90 -9.54 18.35
N TYR A 497 -34.39 -10.64 18.92
CA TYR A 497 -35.13 -10.57 20.19
C TYR A 497 -34.17 -10.66 21.37
N PRO A 498 -33.99 -9.53 22.07
CA PRO A 498 -32.94 -9.26 23.06
C PRO A 498 -32.83 -10.23 24.24
N TYR A 499 -33.90 -10.94 24.59
CA TYR A 499 -33.87 -11.78 25.79
C TYR A 499 -33.24 -13.13 25.48
N GLU A 500 -33.04 -13.37 24.19
CA GLU A 500 -32.35 -14.56 23.69
C GLU A 500 -30.88 -14.33 23.35
N TRP A 501 -30.42 -13.08 23.47
CA TRP A 501 -29.00 -12.73 23.35
C TRP A 501 -28.21 -13.34 24.51
N PRO A 502 -26.88 -13.43 24.37
CA PRO A 502 -26.03 -14.00 25.42
C PRO A 502 -26.10 -13.23 26.75
N GLU A 503 -25.88 -13.94 27.86
CA GLU A 503 -25.98 -13.37 29.21
C GLU A 503 -25.17 -12.08 29.39
N PRO A 504 -23.83 -12.15 29.19
CA PRO A 504 -23.05 -10.94 29.47
C PRO A 504 -23.55 -9.73 28.68
N ILE A 505 -24.23 -9.98 27.57
CA ILE A 505 -24.76 -8.91 26.73
C ILE A 505 -26.04 -8.30 27.30
N LEU A 506 -26.94 -9.14 27.78
CA LEU A 506 -28.18 -8.65 28.40
C LEU A 506 -27.88 -7.72 29.58
N GLU A 507 -27.06 -8.22 30.50
CA GLU A 507 -26.61 -7.45 31.66
C GLU A 507 -26.05 -6.09 31.25
N ARG A 508 -25.15 -6.08 30.28
CA ARG A 508 -24.56 -4.84 29.81
C ARG A 508 -25.61 -3.86 29.27
N ILE A 509 -26.56 -4.41 28.52
CA ILE A 509 -27.67 -3.65 27.94
C ILE A 509 -28.50 -2.99 29.04
N ASP A 510 -28.92 -3.80 30.01
CA ASP A 510 -29.75 -3.34 31.11
C ASP A 510 -29.07 -2.31 31.99
N GLU A 511 -27.91 -2.66 32.54
CA GLU A 511 -27.20 -1.72 33.40
C GLU A 511 -27.00 -0.33 32.77
N LYS A 512 -26.42 -0.30 31.58
CA LYS A 512 -26.05 0.95 30.94
C LYS A 512 -27.25 1.64 30.29
N PHE A 513 -28.06 0.86 29.57
CA PHE A 513 -29.20 1.40 28.83
C PHE A 513 -30.58 1.26 29.44
N GLY A 514 -30.69 0.55 30.55
CA GLY A 514 -32.00 0.39 31.16
C GLY A 514 -32.94 -0.20 30.13
N GLY A 515 -32.64 -1.41 29.66
CA GLY A 515 -33.40 -2.05 28.61
C GLY A 515 -32.86 -1.70 27.22
N LEU A 516 -33.27 -2.48 26.21
CA LEU A 516 -32.82 -2.18 24.85
C LEU A 516 -33.63 -1.04 24.24
N PRO A 517 -32.94 0.07 23.89
CA PRO A 517 -33.57 1.29 23.37
C PRO A 517 -34.46 1.00 22.17
N GLU A 518 -35.36 1.92 21.87
CA GLU A 518 -36.37 1.66 20.87
C GLU A 518 -36.10 2.53 19.68
N VAL A 519 -36.62 2.15 18.53
CA VAL A 519 -36.40 2.95 17.33
C VAL A 519 -37.09 4.32 17.42
N PRO A 520 -36.33 5.37 17.08
CA PRO A 520 -36.88 6.73 16.95
C PRO A 520 -37.81 6.78 15.76
N LYS A 521 -38.99 6.20 15.90
CA LYS A 521 -39.99 6.17 14.82
C LYS A 521 -40.48 7.56 14.33
N THR A 522 -40.86 7.63 13.06
CA THR A 522 -41.66 8.72 12.58
C THR A 522 -43.00 8.15 12.16
N LEU A 523 -43.86 8.96 11.56
CA LEU A 523 -45.10 8.43 11.02
C LEU A 523 -44.78 7.54 9.82
N THR A 524 -44.03 8.09 8.88
CA THR A 524 -43.68 7.38 7.66
C THR A 524 -42.56 6.33 7.77
N TRP A 525 -41.41 6.71 8.30
CA TRP A 525 -40.20 5.92 8.04
C TRP A 525 -40.14 4.48 8.51
N PRO A 526 -40.12 4.25 9.84
CA PRO A 526 -39.64 2.91 10.22
C PRO A 526 -40.34 1.84 9.41
N GLU A 527 -41.66 1.98 9.24
CA GLU A 527 -42.47 1.18 8.32
C GLU A 527 -42.58 -0.30 8.70
ZN ZN C . -3.22 -3.39 11.31
N10 SSA D . -4.46 -4.16 9.68
CA SSA D . -5.30 -5.30 9.86
CB SSA D . -5.85 -5.19 11.22
OG SSA D . -6.59 -4.07 11.43
C9 SSA D . -6.46 -5.31 8.94
O9 SSA D . -6.94 -4.26 8.56
N8 SSA D . -7.04 -6.59 8.52
S1 SSA D . -8.35 -6.67 7.52
O1S SSA D . -8.13 -6.16 6.20
O2S SSA D . -8.69 -8.05 7.37
O5' SSA D . -9.44 -5.96 8.26
C5' SSA D . -9.46 -6.10 9.68
C4' SSA D . -10.85 -6.25 10.23
O4' SSA D . -11.61 -5.01 10.04
C3' SSA D . -11.72 -7.31 9.56
O3' SSA D . -11.46 -8.62 10.03
C2' SSA D . -13.13 -6.83 9.87
O2' SSA D . -13.47 -7.15 11.21
C1' SSA D . -12.96 -5.31 9.76
N9 SSA D . -13.26 -4.83 8.42
C8 SSA D . -12.42 -4.61 7.37
N7 SSA D . -13.02 -4.21 6.27
C5 SSA D . -14.36 -4.17 6.63
C6 SSA D . -15.53 -3.83 5.93
N6 SSA D . -15.52 -3.43 4.65
N1 SSA D . -16.71 -3.91 6.59
C2 SSA D . -16.68 -4.33 7.90
N3 SSA D . -15.64 -4.66 8.65
C4 SSA D . -14.52 -4.56 7.96
PT PT E . -14.81 -4.79 8.97
PT PT F . -1.54 -5.58 7.66
PT PT G . 46.92 17.28 -21.13
PT PT H . 27.40 3.40 -12.30
PT PT I . 22.11 3.97 -14.23
PT PT J . 24.36 9.73 -11.20
PT PT K . 8.01 -0.17 -3.85
PT PT L . 18.89 0.68 -31.40
PT PT M . 12.83 -15.62 15.25
PT PT N . -36.03 -15.89 9.40
PT PT O . 2.23 -11.42 -8.36
PT PT P . 26.43 -9.75 -21.21
PT PT Q . 24.62 13.80 -15.97
PT PT R . 19.99 5.66 22.26
PT PT S . -22.43 -0.24 31.85
S SO4 T . 43.13 9.15 -14.71
O1 SO4 T . 44.27 8.36 -15.16
O2 SO4 T . 43.30 9.59 -13.31
O3 SO4 T . 42.93 10.33 -15.55
O4 SO4 T . 41.94 8.31 -14.82
S SO4 U . 40.13 -2.48 -13.67
O1 SO4 U . 39.88 -2.69 -12.25
O2 SO4 U . 39.04 -1.72 -14.29
O3 SO4 U . 41.37 -1.73 -13.83
O4 SO4 U . 40.20 -3.79 -14.32
S SO4 V . 14.96 -15.32 -20.64
O1 SO4 V . 15.84 -16.15 -19.81
O2 SO4 V . 14.31 -14.39 -19.72
O3 SO4 V . 15.76 -14.57 -21.63
O4 SO4 V . 13.99 -16.12 -21.41
S SO4 W . -24.65 19.68 -14.88
O1 SO4 W . -24.22 18.41 -14.30
O2 SO4 W . -25.88 20.13 -14.22
O3 SO4 W . -23.61 20.71 -14.73
O4 SO4 W . -24.88 19.51 -16.31
S SO4 X . 0.13 20.81 -2.67
O1 SO4 X . 1.14 21.80 -2.31
O2 SO4 X . -0.50 20.39 -1.43
O3 SO4 X . -0.83 21.42 -3.59
O4 SO4 X . 0.76 19.66 -3.31
S SO4 Y . 0.64 20.91 4.94
O1 SO4 Y . 0.17 22.21 5.42
O2 SO4 Y . -0.47 20.10 4.43
O3 SO4 Y . 1.61 21.14 3.88
O4 SO4 Y . 1.27 20.18 6.05
S SO4 Z . 30.87 1.48 0.26
O1 SO4 Z . 31.66 1.19 1.44
O2 SO4 Z . 29.93 2.56 0.58
O3 SO4 Z . 31.76 1.94 -0.81
O4 SO4 Z . 30.19 0.25 -0.19
S SO4 AA . 26.30 -6.24 -4.13
O1 SO4 AA . 26.06 -7.62 -3.71
O2 SO4 AA . 25.66 -5.30 -3.22
O3 SO4 AA . 27.74 -5.99 -4.13
O4 SO4 AA . 25.77 -6.06 -5.48
#